data_4O8Q
#
_entry.id   4O8Q
#
_cell.length_a   42.092
_cell.length_b   110.333
_cell.length_c   145.794
_cell.angle_alpha   90.00
_cell.angle_beta   90.00
_cell.angle_gamma   90.00
#
_symmetry.space_group_name_H-M   'P 21 21 21'
#
loop_
_entity.id
_entity.type
_entity.pdbx_description
1 polymer 'Coatomer subunit delta'
2 non-polymer 'FORMIC ACID'
3 water water
#
_entity_poly.entity_id   1
_entity_poly.type   'polypeptide(L)'
_entity_poly.pdbx_seq_one_letter_code
;SPINMESVHMKIEEKITLTCGRDGGLQNMELHGMIMLRISDDKFGRIRLHVENEDKKGVQLQTHPNVDKKLFTAESLIGL
KNPEKSFPVNSDVGVLKWRLQTTEESFIPLTINCWPSESGNGCDVNIEYELQEDNLELNDVVITIPLPSGVGAPVIGEID
GEYRHDSRRNTLEWCLPVIDAKNKSGSLEFSIAGQPNDFFPVQVSFISKKNYCNIQVTKVTQVDGNSPVRFSTETTFLVD
KYEIL
;
_entity_poly.pdbx_strand_id   A,B
#
loop_
_chem_comp.id
_chem_comp.type
_chem_comp.name
_chem_comp.formula
FMT non-polymer 'FORMIC ACID' 'C H2 O2'
#
# COMPACT_ATOMS: atom_id res chain seq x y z
N SER A 1 22.60 6.42 7.79
CA SER A 1 23.60 6.30 8.84
C SER A 1 24.21 4.90 8.90
N PRO A 2 25.53 4.82 9.17
CA PRO A 2 26.20 3.53 9.30
C PRO A 2 25.57 2.64 10.37
N ILE A 3 24.95 3.27 11.38
CA ILE A 3 24.29 2.54 12.47
C ILE A 3 23.10 1.71 11.93
N ASN A 4 22.52 2.10 10.80
CA ASN A 4 21.40 1.37 10.22
C ASN A 4 21.83 0.27 9.25
N MET A 5 23.14 0.15 9.04
CA MET A 5 23.64 -0.79 8.04
C MET A 5 24.44 -1.90 8.68
N GLU A 6 24.44 -3.08 8.08
CA GLU A 6 25.37 -4.08 8.54
C GLU A 6 26.76 -3.65 8.07
N SER A 7 27.79 -4.29 8.59
CA SER A 7 29.16 -3.99 8.17
C SER A 7 29.42 -4.39 6.72
N VAL A 8 28.50 -5.17 6.14
CA VAL A 8 28.48 -5.46 4.70
C VAL A 8 27.15 -4.98 4.17
N HIS A 9 27.20 -4.02 3.26
CA HIS A 9 25.99 -3.37 2.81
C HIS A 9 26.02 -3.14 1.32
N MET A 10 24.90 -3.42 0.67
CA MET A 10 24.81 -3.23 -0.76
C MET A 10 23.66 -2.33 -1.15
N LYS A 11 23.93 -1.41 -2.06
CA LYS A 11 22.86 -0.61 -2.67
C LYS A 11 22.65 -1.16 -4.07
N ILE A 12 21.44 -1.62 -4.35
CA ILE A 12 21.16 -2.16 -5.67
C ILE A 12 20.20 -1.21 -6.36
N GLU A 13 20.70 -0.51 -7.37
CA GLU A 13 19.94 0.56 -8.02
C GLU A 13 19.79 0.33 -9.50
N GLU A 14 18.57 0.52 -9.99
CA GLU A 14 18.25 0.39 -11.40
C GLU A 14 17.54 1.64 -11.88
N LYS A 15 17.77 2.02 -13.13
CA LYS A 15 17.08 3.15 -13.74
C LYS A 15 16.49 2.70 -15.06
N ILE A 16 15.25 3.11 -15.37
CA ILE A 16 14.71 2.80 -16.69
C ILE A 16 14.53 4.05 -17.55
N THR A 17 14.78 3.87 -18.84
CA THR A 17 14.56 4.87 -19.86
C THR A 17 13.69 4.20 -20.88
N LEU A 18 12.50 4.75 -21.09
CA LEU A 18 11.57 4.07 -21.96
C LEU A 18 10.78 5.10 -22.76
N THR A 19 10.62 4.80 -24.04
CA THR A 19 9.79 5.58 -24.95
C THR A 19 8.84 4.65 -25.69
N CYS A 20 7.55 4.99 -25.66
CA CYS A 20 6.49 4.22 -26.29
C CYS A 20 5.70 5.11 -27.26
N GLY A 21 5.29 4.56 -28.40
CA GLY A 21 4.33 5.25 -29.25
C GLY A 21 2.95 5.14 -28.61
N ARG A 22 2.06 6.06 -28.94
CA ARG A 22 0.73 6.04 -28.34
C ARG A 22 -0.05 4.82 -28.82
N ASP A 23 0.38 4.27 -29.96
CA ASP A 23 -0.16 3.01 -30.49
C ASP A 23 0.14 1.83 -29.57
N GLY A 24 1.10 2.01 -28.66
CA GLY A 24 1.49 0.96 -27.73
C GLY A 24 2.79 0.27 -28.11
N GLY A 25 3.36 0.65 -29.25
CA GLY A 25 4.61 0.05 -29.70
C GLY A 25 5.78 0.57 -28.88
N LEU A 26 6.76 -0.29 -28.64
CA LEU A 26 7.95 0.14 -27.89
C LEU A 26 9.02 0.67 -28.83
N GLN A 27 9.26 1.97 -28.77
CA GLN A 27 10.33 2.59 -29.55
C GLN A 27 11.72 2.28 -28.98
N ASN A 28 11.83 2.37 -27.66
CA ASN A 28 13.09 2.09 -27.00
C ASN A 28 12.91 1.86 -25.52
N MET A 29 13.53 0.80 -25.02
CA MET A 29 13.63 0.58 -23.58
C MET A 29 15.08 0.31 -23.21
N GLU A 30 15.55 0.99 -22.17
CA GLU A 30 16.89 0.79 -21.68
C GLU A 30 16.83 0.65 -20.18
N LEU A 31 17.45 -0.39 -19.68
CA LEU A 31 17.51 -0.59 -18.26
C LEU A 31 18.97 -0.66 -17.84
N HIS A 32 19.37 0.12 -16.84
CA HIS A 32 20.72 0.04 -16.29
C HIS A 32 20.65 -0.21 -14.81
N GLY A 33 21.48 -1.12 -14.33
CA GLY A 33 21.52 -1.42 -12.90
C GLY A 33 22.92 -1.66 -12.40
N MET A 34 23.10 -1.53 -11.09
CA MET A 34 24.36 -1.95 -10.50
C MET A 34 24.22 -2.29 -9.05
N ILE A 35 25.13 -3.14 -8.57
CA ILE A 35 25.25 -3.42 -7.16
C ILE A 35 26.47 -2.67 -6.62
N MET A 36 26.22 -1.78 -5.68
CA MET A 36 27.30 -1.05 -5.02
C MET A 36 27.53 -1.64 -3.64
N LEU A 37 28.76 -2.13 -3.41
CA LEU A 37 29.16 -2.79 -2.17
C LEU A 37 29.93 -1.84 -1.25
N ARG A 38 29.59 -1.86 0.03
CA ARG A 38 30.24 -1.03 1.01
C ARG A 38 30.46 -1.80 2.30
N ILE A 39 31.71 -1.88 2.70
CA ILE A 39 32.14 -2.62 3.85
C ILE A 39 32.70 -1.65 4.88
N SER A 40 32.27 -1.72 6.13
CA SER A 40 32.71 -0.76 7.14
C SER A 40 33.68 -1.34 8.16
N ASP A 41 34.11 -2.58 7.94
CA ASP A 41 34.98 -3.29 8.87
C ASP A 41 35.88 -4.28 8.12
N ASP A 42 37.20 -4.07 8.17
CA ASP A 42 38.12 -4.91 7.41
C ASP A 42 37.97 -6.40 7.78
N LYS A 43 37.26 -6.68 8.86
CA LYS A 43 36.88 -8.05 9.22
C LYS A 43 36.13 -8.75 8.08
N PHE A 44 35.44 -7.97 7.26
CA PHE A 44 34.65 -8.54 6.18
C PHE A 44 35.20 -8.16 4.83
N GLY A 45 36.51 -7.92 4.76
CA GLY A 45 37.12 -7.49 3.51
C GLY A 45 37.26 -8.58 2.48
N ARG A 46 37.27 -9.84 2.92
CA ARG A 46 37.54 -10.96 2.03
C ARG A 46 36.34 -11.88 2.02
N ILE A 47 35.35 -11.46 1.25
CA ILE A 47 34.05 -12.08 1.20
C ILE A 47 33.63 -12.36 -0.23
N ARG A 48 32.59 -13.17 -0.36
N ARG A 48 32.60 -13.19 -0.38
CA ARG A 48 31.96 -13.43 -1.65
CA ARG A 48 31.97 -13.47 -1.66
C ARG A 48 30.44 -13.23 -1.54
C ARG A 48 30.45 -13.25 -1.55
N LEU A 49 29.86 -12.63 -2.57
CA LEU A 49 28.42 -12.34 -2.55
C LEU A 49 27.73 -13.40 -3.39
N HIS A 50 26.65 -13.96 -2.86
CA HIS A 50 25.90 -14.94 -3.61
C HIS A 50 24.76 -14.27 -4.34
N VAL A 51 24.77 -14.37 -5.66
CA VAL A 51 23.79 -13.65 -6.48
C VAL A 51 22.76 -14.57 -7.06
N GLU A 52 21.51 -14.32 -6.71
CA GLU A 52 20.43 -15.15 -7.20
C GLU A 52 19.81 -14.47 -8.41
N ASN A 53 19.74 -15.18 -9.52
CA ASN A 53 19.25 -14.59 -10.76
C ASN A 53 18.05 -15.37 -11.27
N GLU A 54 16.86 -14.76 -11.18
CA GLU A 54 15.65 -15.39 -11.71
C GLU A 54 15.16 -14.64 -12.93
N ASP A 55 16.05 -13.88 -13.56
CA ASP A 55 15.63 -13.06 -14.68
C ASP A 55 15.66 -13.80 -16.02
N LYS A 56 14.62 -13.59 -16.82
CA LYS A 56 14.58 -14.23 -18.13
C LYS A 56 14.53 -13.20 -19.27
N LYS A 57 14.92 -11.97 -18.98
CA LYS A 57 14.85 -10.92 -20.00
C LYS A 57 16.06 -10.86 -20.92
N GLY A 58 17.13 -11.59 -20.60
CA GLY A 58 18.33 -11.53 -21.41
C GLY A 58 19.15 -10.30 -21.07
N VAL A 59 19.13 -9.95 -19.80
CA VAL A 59 19.94 -8.86 -19.30
C VAL A 59 21.43 -9.21 -19.43
N GLN A 60 22.23 -8.24 -19.88
CA GLN A 60 23.70 -8.38 -19.94
C GLN A 60 24.36 -7.98 -18.63
N LEU A 61 25.11 -8.90 -18.05
CA LEU A 61 25.79 -8.66 -16.79
C LEU A 61 27.27 -8.40 -16.99
N GLN A 62 27.81 -7.44 -16.25
N GLN A 62 27.82 -7.43 -16.26
CA GLN A 62 29.24 -7.16 -16.31
CA GLN A 62 29.25 -7.15 -16.34
C GLN A 62 29.84 -7.03 -14.94
C GLN A 62 29.86 -7.01 -14.96
N THR A 63 30.87 -7.83 -14.67
CA THR A 63 31.57 -7.74 -13.39
C THR A 63 32.62 -6.63 -13.43
N HIS A 64 32.82 -5.98 -12.29
CA HIS A 64 33.94 -5.08 -12.02
C HIS A 64 35.26 -5.71 -12.47
N PRO A 65 36.16 -4.91 -13.03
CA PRO A 65 37.48 -5.40 -13.45
C PRO A 65 38.30 -6.12 -12.36
N ASN A 66 38.05 -5.89 -11.08
CA ASN A 66 38.80 -6.62 -10.05
C ASN A 66 38.11 -7.95 -9.70
N VAL A 67 36.90 -8.14 -10.20
CA VAL A 67 36.05 -9.29 -9.84
C VAL A 67 36.26 -10.49 -10.76
N ASP A 68 36.31 -11.68 -10.16
CA ASP A 68 36.54 -12.92 -10.89
C ASP A 68 35.37 -13.23 -11.83
N LYS A 69 35.60 -13.07 -13.12
CA LYS A 69 34.53 -13.23 -14.09
C LYS A 69 34.08 -14.68 -14.22
N LYS A 70 35.02 -15.62 -14.20
CA LYS A 70 34.64 -17.02 -14.36
C LYS A 70 33.90 -17.51 -13.11
N LEU A 71 34.33 -17.05 -11.94
CA LEU A 71 33.65 -17.41 -10.71
C LEU A 71 32.19 -16.96 -10.80
N PHE A 72 31.95 -15.76 -11.31
CA PHE A 72 30.57 -15.27 -11.37
C PHE A 72 29.77 -16.07 -12.39
N THR A 73 30.37 -16.30 -13.54
CA THR A 73 29.74 -17.04 -14.65
C THR A 73 29.32 -18.48 -14.29
N ALA A 74 30.19 -19.21 -13.58
CA ALA A 74 29.96 -20.62 -13.30
C ALA A 74 29.17 -20.79 -11.99
N GLU A 75 29.45 -19.93 -11.03
CA GLU A 75 28.93 -20.14 -9.67
C GLU A 75 28.01 -19.02 -9.19
N SER A 76 27.89 -17.96 -9.98
CA SER A 76 27.04 -16.83 -9.61
C SER A 76 27.48 -16.27 -8.23
N LEU A 77 28.79 -16.37 -7.95
CA LEU A 77 29.41 -15.70 -6.80
C LEU A 77 30.24 -14.49 -7.23
N ILE A 78 30.13 -13.41 -6.46
CA ILE A 78 30.95 -12.22 -6.68
C ILE A 78 32.12 -12.23 -5.72
N GLY A 79 33.33 -12.40 -6.22
CA GLY A 79 34.54 -12.41 -5.40
C GLY A 79 35.67 -11.78 -6.20
N LEU A 80 36.73 -11.34 -5.53
CA LEU A 80 37.86 -10.72 -6.22
C LEU A 80 38.68 -11.79 -6.96
N LYS A 81 39.27 -11.41 -8.09
CA LYS A 81 40.19 -12.26 -8.85
C LYS A 81 41.29 -12.87 -8.00
N ASN A 82 41.85 -12.04 -7.13
CA ASN A 82 42.80 -12.47 -6.12
C ASN A 82 42.05 -12.64 -4.80
N PRO A 83 41.73 -13.91 -4.43
CA PRO A 83 40.93 -14.14 -3.22
C PRO A 83 41.61 -13.60 -1.96
N GLU A 84 42.93 -13.44 -2.01
CA GLU A 84 43.65 -12.95 -0.83
C GLU A 84 43.62 -11.42 -0.74
N LYS A 85 43.17 -10.78 -1.80
CA LYS A 85 43.01 -9.34 -1.80
C LYS A 85 41.75 -8.99 -1.02
N SER A 86 41.74 -7.82 -0.39
CA SER A 86 40.55 -7.39 0.32
C SER A 86 39.74 -6.37 -0.48
N PHE A 87 38.42 -6.38 -0.32
CA PHE A 87 37.64 -5.28 -0.87
C PHE A 87 38.01 -4.02 -0.10
N PRO A 88 37.79 -2.85 -0.72
CA PRO A 88 38.03 -1.58 -0.03
C PRO A 88 37.15 -1.44 1.20
N VAL A 89 37.64 -0.77 2.24
CA VAL A 89 36.83 -0.48 3.41
C VAL A 89 36.41 0.99 3.48
N ASN A 90 35.11 1.21 3.73
CA ASN A 90 34.46 2.52 3.65
C ASN A 90 34.72 3.22 2.33
N SER A 91 34.38 2.54 1.25
CA SER A 91 34.52 3.06 -0.11
C SER A 91 33.62 2.22 -1.00
N ASP A 92 32.73 2.88 -1.75
CA ASP A 92 31.78 2.16 -2.58
C ASP A 92 32.46 1.44 -3.74
N VAL A 93 32.10 0.19 -4.01
CA VAL A 93 32.62 -0.51 -5.19
C VAL A 93 31.49 -1.04 -6.02
N GLY A 94 31.46 -0.68 -7.29
CA GLY A 94 30.44 -1.21 -8.19
C GLY A 94 30.86 -2.60 -8.64
N VAL A 95 30.59 -3.64 -7.85
CA VAL A 95 31.05 -5.00 -8.16
C VAL A 95 30.35 -5.63 -9.35
N LEU A 96 29.14 -5.16 -9.66
CA LEU A 96 28.37 -5.74 -10.75
C LEU A 96 27.46 -4.71 -11.37
N LYS A 97 27.29 -4.78 -12.70
CA LYS A 97 26.42 -3.88 -13.43
C LYS A 97 25.64 -4.70 -14.40
N TRP A 98 24.46 -4.21 -14.79
CA TRP A 98 23.79 -4.90 -15.89
C TRP A 98 23.11 -3.92 -16.82
N ARG A 99 22.77 -4.41 -18.00
CA ARG A 99 22.12 -3.57 -18.98
C ARG A 99 21.15 -4.40 -19.81
N LEU A 100 20.01 -3.79 -20.10
CA LEU A 100 19.06 -4.34 -21.05
C LEU A 100 18.63 -3.23 -21.98
N GLN A 101 18.75 -3.47 -23.27
CA GLN A 101 18.18 -2.57 -24.26
C GLN A 101 17.34 -3.41 -25.20
N THR A 102 16.12 -2.96 -25.46
CA THR A 102 15.18 -3.80 -26.20
C THR A 102 13.99 -3.02 -26.76
N THR A 103 13.40 -3.54 -27.84
CA THR A 103 12.17 -2.96 -28.36
C THR A 103 11.01 -3.95 -28.27
N GLU A 104 11.18 -5.03 -27.50
CA GLU A 104 10.10 -6.01 -27.31
C GLU A 104 9.08 -5.49 -26.28
N GLU A 105 7.88 -5.17 -26.75
CA GLU A 105 6.80 -4.65 -25.89
C GLU A 105 6.53 -5.53 -24.68
N SER A 106 6.75 -6.83 -24.85
CA SER A 106 6.61 -7.80 -23.79
C SER A 106 7.35 -7.42 -22.50
N PHE A 107 8.42 -6.62 -22.64
CA PHE A 107 9.22 -6.21 -21.49
C PHE A 107 8.76 -4.90 -20.83
N ILE A 108 7.75 -4.23 -21.38
CA ILE A 108 7.25 -3.02 -20.75
C ILE A 108 6.71 -3.38 -19.36
N PRO A 109 7.19 -2.71 -18.34
CA PRO A 109 6.72 -3.07 -16.99
C PRO A 109 5.28 -2.62 -16.77
N LEU A 110 4.98 -1.42 -17.23
CA LEU A 110 3.67 -0.83 -17.04
C LEU A 110 3.19 -0.20 -18.33
N THR A 111 2.23 -0.82 -19.00
CA THR A 111 1.74 -0.26 -20.25
C THR A 111 0.71 0.83 -20.02
N ILE A 112 0.74 1.84 -20.87
CA ILE A 112 -0.19 2.94 -20.81
C ILE A 112 -1.00 3.01 -22.10
N ASN A 113 -2.33 3.02 -21.98
CA ASN A 113 -3.19 3.07 -23.15
C ASN A 113 -4.08 4.30 -23.09
N CYS A 114 -3.67 5.37 -23.79
CA CYS A 114 -4.41 6.64 -23.80
C CYS A 114 -5.20 6.77 -25.11
N TRP A 115 -6.52 6.90 -25.03
CA TRP A 115 -7.37 7.06 -26.22
C TRP A 115 -8.20 8.33 -26.17
N PRO A 116 -7.71 9.43 -26.77
CA PRO A 116 -8.57 10.60 -26.97
C PRO A 116 -9.61 10.32 -28.03
N SER A 117 -10.78 10.93 -27.95
CA SER A 117 -11.78 10.82 -29.01
C SER A 117 -12.69 12.04 -29.03
N GLU A 118 -12.94 12.57 -30.21
CA GLU A 118 -13.74 13.78 -30.36
C GLU A 118 -15.24 13.48 -30.34
N GLY A 122 -14.70 19.17 -27.71
CA GLY A 122 -15.50 18.30 -26.87
C GLY A 122 -14.85 16.95 -26.68
N CYS A 123 -13.53 16.98 -26.52
CA CYS A 123 -12.74 15.76 -26.46
C CYS A 123 -12.94 14.94 -25.17
N ASP A 124 -13.17 13.65 -25.34
CA ASP A 124 -13.18 12.71 -24.22
C ASP A 124 -11.86 11.98 -24.23
N VAL A 125 -11.20 11.95 -23.08
CA VAL A 125 -9.97 11.21 -22.97
C VAL A 125 -10.18 10.03 -22.04
N ASN A 126 -9.85 8.84 -22.53
CA ASN A 126 -9.84 7.64 -21.71
C ASN A 126 -8.44 7.07 -21.67
N ILE A 127 -7.91 6.91 -20.47
CA ILE A 127 -6.55 6.40 -20.34
C ILE A 127 -6.54 5.30 -19.29
N GLU A 128 -5.83 4.20 -19.57
CA GLU A 128 -5.74 3.11 -18.62
C GLU A 128 -4.30 2.62 -18.55
N TYR A 129 -3.97 1.97 -17.45
CA TYR A 129 -2.69 1.31 -17.31
C TYR A 129 -2.91 -0.16 -17.08
N GLU A 130 -1.87 -0.96 -17.30
CA GLU A 130 -1.88 -2.36 -16.94
C GLU A 130 -0.49 -2.81 -16.56
N LEU A 131 -0.37 -3.42 -15.39
CA LEU A 131 0.92 -3.93 -14.92
C LEU A 131 1.22 -5.24 -15.59
N GLN A 132 2.36 -5.34 -16.27
CA GLN A 132 2.74 -6.57 -16.99
C GLN A 132 3.55 -7.53 -16.11
N GLU A 133 4.54 -6.98 -15.41
CA GLU A 133 5.37 -7.76 -14.50
C GLU A 133 4.71 -7.87 -13.13
N ASP A 134 4.02 -8.98 -12.89
CA ASP A 134 3.35 -9.24 -11.61
C ASP A 134 4.33 -9.18 -10.42
N ASN A 135 5.62 -9.28 -10.71
CA ASN A 135 6.66 -9.17 -9.68
C ASN A 135 6.70 -7.77 -9.03
N LEU A 136 6.41 -6.73 -9.80
CA LEU A 136 6.58 -5.36 -9.32
C LEU A 136 5.48 -4.89 -8.39
N GLU A 137 5.85 -3.97 -7.52
CA GLU A 137 4.89 -3.27 -6.68
C GLU A 137 5.25 -1.80 -6.77
N LEU A 138 4.44 -1.05 -7.50
CA LEU A 138 4.79 0.32 -7.83
C LEU A 138 4.10 1.30 -6.90
N ASN A 139 4.90 2.16 -6.30
CA ASN A 139 4.40 3.20 -5.43
C ASN A 139 4.57 4.61 -5.98
N ASP A 140 3.68 5.48 -5.52
CA ASP A 140 3.72 6.88 -5.89
C ASP A 140 3.73 7.01 -7.40
N VAL A 141 2.94 6.18 -8.07
CA VAL A 141 2.81 6.29 -9.52
C VAL A 141 2.07 7.58 -9.89
N VAL A 142 2.74 8.42 -10.67
CA VAL A 142 2.09 9.60 -11.22
C VAL A 142 2.14 9.57 -12.72
N ILE A 143 0.96 9.63 -13.34
CA ILE A 143 0.87 9.67 -14.78
C ILE A 143 0.51 11.09 -15.16
N THR A 144 1.46 11.80 -15.76
CA THR A 144 1.23 13.18 -16.11
C THR A 144 0.77 13.37 -17.54
N ILE A 145 -0.40 14.00 -17.66
CA ILE A 145 -1.07 14.20 -18.94
C ILE A 145 -1.16 15.68 -19.25
N PRO A 146 -0.53 16.13 -20.36
CA PRO A 146 -0.63 17.53 -20.78
C PRO A 146 -2.02 17.90 -21.27
N LEU A 147 -2.43 19.16 -21.10
CA LEU A 147 -3.77 19.60 -21.46
C LEU A 147 -3.76 20.83 -22.37
N PRO A 148 -4.78 21.00 -23.23
CA PRO A 148 -4.87 22.26 -23.96
C PRO A 148 -5.05 23.41 -23.01
N SER A 149 -4.57 24.58 -23.41
CA SER A 149 -4.69 25.76 -22.56
C SER A 149 -5.81 26.66 -23.05
N GLY A 150 -6.22 27.59 -22.18
CA GLY A 150 -7.20 28.58 -22.53
C GLY A 150 -8.61 28.04 -22.61
N VAL A 151 -8.85 26.83 -22.10
CA VAL A 151 -10.19 26.24 -22.17
C VAL A 151 -10.71 25.69 -20.84
N GLY A 152 -10.24 26.24 -19.72
CA GLY A 152 -10.73 25.85 -18.41
C GLY A 152 -10.17 24.51 -17.93
N ALA A 153 -10.72 24.01 -16.83
CA ALA A 153 -10.24 22.79 -16.20
C ALA A 153 -10.85 21.56 -16.86
N PRO A 154 -10.12 20.43 -16.85
CA PRO A 154 -10.74 19.20 -17.32
C PRO A 154 -11.88 18.78 -16.39
N VAL A 155 -12.89 18.08 -16.89
CA VAL A 155 -13.96 17.57 -16.05
C VAL A 155 -13.79 16.07 -15.87
N ILE A 156 -13.54 15.64 -14.65
CA ILE A 156 -13.17 14.25 -14.41
C ILE A 156 -14.39 13.37 -14.24
N GLY A 157 -14.44 12.27 -14.97
CA GLY A 157 -15.50 11.27 -14.80
C GLY A 157 -15.08 10.13 -13.90
N GLU A 158 -15.18 8.90 -14.40
CA GLU A 158 -14.76 7.72 -13.66
C GLU A 158 -13.24 7.69 -13.47
N ILE A 159 -12.79 7.42 -12.25
CA ILE A 159 -11.35 7.40 -12.00
C ILE A 159 -10.95 6.40 -10.93
N ASP A 160 -9.86 5.68 -11.20
CA ASP A 160 -9.24 4.86 -10.19
C ASP A 160 -8.07 5.67 -9.65
N GLY A 161 -8.08 5.98 -8.34
CA GLY A 161 -7.04 6.81 -7.78
C GLY A 161 -7.47 8.26 -7.69
N GLU A 162 -6.50 9.18 -7.66
CA GLU A 162 -6.80 10.60 -7.46
C GLU A 162 -6.13 11.44 -8.52
N TYR A 163 -6.40 12.74 -8.53
CA TYR A 163 -5.73 13.58 -9.51
C TYR A 163 -5.40 14.95 -8.98
N ARG A 164 -4.56 15.62 -9.73
CA ARG A 164 -4.20 17.00 -9.45
C ARG A 164 -4.17 17.75 -10.78
N HIS A 165 -4.94 18.83 -10.85
CA HIS A 165 -5.00 19.67 -12.04
C HIS A 165 -4.24 20.95 -11.76
N ASP A 166 -3.29 21.26 -12.64
CA ASP A 166 -2.46 22.44 -12.46
C ASP A 166 -2.71 23.42 -13.60
N SER A 167 -3.28 24.59 -13.31
CA SER A 167 -3.65 25.50 -14.40
C SER A 167 -2.45 26.13 -15.09
N ARG A 168 -1.38 26.37 -14.34
CA ARG A 168 -0.21 27.05 -14.90
C ARG A 168 0.57 26.14 -15.83
N ARG A 169 0.77 24.90 -15.41
CA ARG A 169 1.51 23.94 -16.21
C ARG A 169 0.65 23.32 -17.28
N ASN A 170 -0.66 23.55 -17.20
CA ASN A 170 -1.62 22.85 -18.06
C ASN A 170 -1.43 21.34 -18.04
N THR A 171 -1.48 20.77 -16.85
CA THR A 171 -1.34 19.33 -16.70
C THR A 171 -2.43 18.74 -15.82
N LEU A 172 -2.69 17.48 -16.08
CA LEU A 172 -3.48 16.63 -15.21
C LEU A 172 -2.53 15.52 -14.73
N GLU A 173 -2.18 15.54 -13.45
CA GLU A 173 -1.45 14.46 -12.82
C GLU A 173 -2.41 13.41 -12.27
N TRP A 174 -2.27 12.18 -12.78
CA TRP A 174 -3.09 11.06 -12.33
C TRP A 174 -2.28 10.23 -11.33
N CYS A 175 -2.74 10.13 -10.09
CA CYS A 175 -1.95 9.51 -9.02
C CYS A 175 -2.52 8.16 -8.55
N LEU A 176 -1.70 7.11 -8.65
CA LEU A 176 -1.97 5.81 -8.05
C LEU A 176 -3.16 5.12 -8.74
N PRO A 177 -3.88 4.15 -8.09
CA PRO A 177 -3.80 3.40 -6.82
C PRO A 177 -2.52 2.56 -6.80
N VAL A 178 -2.13 2.02 -5.64
CA VAL A 178 -0.94 1.18 -5.59
C VAL A 178 -1.08 0.13 -6.70
N ILE A 179 0.00 -0.11 -7.43
CA ILE A 179 -0.12 -1.03 -8.54
C ILE A 179 0.60 -2.33 -8.20
N ASP A 180 -0.20 -3.34 -7.83
CA ASP A 180 0.22 -4.69 -7.39
C ASP A 180 -0.17 -5.73 -8.42
N ALA A 181 0.38 -6.94 -8.26
CA ALA A 181 -0.02 -8.08 -9.09
C ALA A 181 -1.48 -8.47 -8.81
N LYS A 182 -1.99 -8.02 -7.68
CA LYS A 182 -3.37 -8.29 -7.33
C LYS A 182 -4.26 -7.22 -7.92
N ASN A 183 -3.66 -6.12 -8.35
CA ASN A 183 -4.42 -4.98 -8.83
C ASN A 183 -3.72 -4.32 -10.01
N LYS A 184 -3.73 -5.03 -11.11
CA LYS A 184 -2.86 -4.76 -12.22
C LYS A 184 -3.32 -3.60 -13.09
N SER A 185 -4.57 -3.20 -12.97
CA SER A 185 -5.13 -2.27 -13.96
C SER A 185 -6.05 -1.21 -13.36
N GLY A 186 -6.17 -0.08 -14.03
CA GLY A 186 -7.06 0.98 -13.61
C GLY A 186 -7.26 1.98 -14.74
N SER A 187 -8.23 2.86 -14.62
CA SER A 187 -8.52 3.75 -15.73
C SER A 187 -9.02 5.09 -15.26
N LEU A 188 -8.94 6.06 -16.14
CA LEU A 188 -9.27 7.44 -15.89
C LEU A 188 -10.00 7.96 -17.10
N GLU A 189 -11.10 8.68 -16.87
CA GLU A 189 -11.82 9.32 -17.95
C GLU A 189 -12.07 10.79 -17.61
N PHE A 190 -11.83 11.67 -18.56
CA PHE A 190 -12.13 13.08 -18.35
C PHE A 190 -12.43 13.73 -19.65
N SER A 191 -12.95 14.96 -19.61
CA SER A 191 -13.21 15.69 -20.84
C SER A 191 -12.74 17.15 -20.74
N ILE A 192 -12.39 17.71 -21.89
CA ILE A 192 -11.87 19.07 -22.00
C ILE A 192 -11.81 19.35 -23.49
N ALA A 193 -11.98 20.62 -23.86
CA ALA A 193 -12.03 20.96 -25.28
C ALA A 193 -10.64 20.99 -25.89
N GLY A 194 -10.33 20.01 -26.73
CA GLY A 194 -9.02 19.94 -27.33
C GLY A 194 -8.94 18.93 -28.44
N GLN A 195 -7.72 18.66 -28.90
CA GLN A 195 -7.47 17.68 -29.95
C GLN A 195 -6.53 16.60 -29.42
N PRO A 196 -6.59 15.38 -30.01
CA PRO A 196 -5.81 14.24 -29.55
C PRO A 196 -4.36 14.55 -29.22
N ASN A 197 -3.69 15.30 -30.09
CA ASN A 197 -2.28 15.60 -29.87
C ASN A 197 -2.03 16.50 -28.67
N ASP A 198 -3.07 17.16 -28.16
CA ASP A 198 -2.88 18.01 -26.99
C ASP A 198 -2.50 17.17 -25.77
N PHE A 199 -2.86 15.90 -25.78
CA PHE A 199 -2.68 15.08 -24.59
C PHE A 199 -1.42 14.23 -24.60
N PHE A 200 -0.47 14.55 -25.47
CA PHE A 200 0.80 13.84 -25.51
C PHE A 200 1.93 14.84 -25.59
N PRO A 201 3.13 14.50 -25.12
CA PRO A 201 3.55 13.22 -24.52
C PRO A 201 3.07 13.03 -23.08
N VAL A 202 2.61 11.81 -22.78
CA VAL A 202 2.29 11.39 -21.43
C VAL A 202 3.56 10.95 -20.71
N GLN A 203 3.77 11.44 -19.49
CA GLN A 203 4.94 11.08 -18.70
C GLN A 203 4.53 10.18 -17.54
N VAL A 204 5.36 9.19 -17.23
CA VAL A 204 5.09 8.31 -16.11
C VAL A 204 6.24 8.39 -15.11
N SER A 205 5.90 8.52 -13.84
CA SER A 205 6.89 8.54 -12.78
C SER A 205 6.52 7.53 -11.70
N PHE A 206 7.50 6.83 -11.17
CA PHE A 206 7.25 5.95 -10.03
C PHE A 206 8.57 5.55 -9.38
N ILE A 207 8.43 5.04 -8.17
N ILE A 207 8.50 4.98 -8.18
CA ILE A 207 9.53 4.39 -7.46
CA ILE A 207 9.69 4.43 -7.54
C ILE A 207 9.12 2.96 -7.19
C ILE A 207 9.35 3.11 -6.86
N SER A 208 10.08 2.06 -7.20
CA SER A 208 9.83 0.73 -6.73
C SER A 208 10.96 0.30 -5.80
N LYS A 209 10.63 -0.47 -4.78
CA LYS A 209 11.65 -0.95 -3.85
C LYS A 209 12.02 -2.38 -4.20
N LYS A 210 11.43 -2.91 -5.25
CA LYS A 210 11.85 -4.19 -5.78
C LYS A 210 12.47 -3.93 -7.13
N ASN A 211 13.55 -4.65 -7.45
CA ASN A 211 14.20 -4.44 -8.72
C ASN A 211 13.39 -4.98 -9.89
N TYR A 212 13.51 -4.32 -11.03
CA TYR A 212 12.88 -4.78 -12.25
C TYR A 212 13.53 -6.11 -12.67
N CYS A 213 14.85 -6.12 -12.74
CA CYS A 213 15.58 -7.37 -12.96
C CYS A 213 15.50 -8.25 -11.74
N ASN A 214 15.21 -9.53 -11.94
CA ASN A 214 15.02 -10.42 -10.82
C ASN A 214 16.38 -10.92 -10.35
N ILE A 215 17.16 -9.98 -9.83
CA ILE A 215 18.54 -10.21 -9.39
C ILE A 215 18.71 -9.77 -7.93
N GLN A 216 19.12 -10.68 -7.06
CA GLN A 216 19.29 -10.35 -5.63
C GLN A 216 20.55 -10.97 -5.03
N VAL A 217 21.08 -10.31 -4.00
CA VAL A 217 22.13 -10.92 -3.21
C VAL A 217 21.45 -11.58 -2.04
N THR A 218 21.58 -12.89 -1.94
CA THR A 218 20.85 -13.64 -0.93
C THR A 218 21.76 -14.10 0.20
N LYS A 219 23.06 -14.14 -0.07
CA LYS A 219 23.99 -14.58 0.95
C LYS A 219 25.36 -13.93 0.78
N VAL A 220 26.09 -13.77 1.87
CA VAL A 220 27.45 -13.31 1.83
C VAL A 220 28.30 -14.23 2.70
N THR A 221 29.41 -14.74 2.16
CA THR A 221 30.24 -15.67 2.92
C THR A 221 31.72 -15.26 2.96
N GLN A 222 32.42 -15.69 4.01
CA GLN A 222 33.85 -15.43 4.16
C GLN A 222 34.62 -16.25 3.13
N VAL A 223 35.61 -15.63 2.48
CA VAL A 223 36.45 -16.40 1.58
C VAL A 223 37.13 -17.55 2.33
N ASP A 224 37.58 -17.26 3.54
CA ASP A 224 38.26 -18.27 4.34
C ASP A 224 37.28 -19.01 5.26
N GLY A 225 36.92 -20.23 4.89
CA GLY A 225 36.01 -21.02 5.70
C GLY A 225 34.54 -20.95 5.31
N ASN A 226 34.20 -20.04 4.39
CA ASN A 226 32.83 -19.94 3.84
C ASN A 226 31.70 -19.74 4.83
N SER A 227 31.99 -19.12 5.98
CA SER A 227 30.97 -18.84 6.98
C SER A 227 30.04 -17.70 6.53
N PRO A 228 28.74 -17.84 6.78
CA PRO A 228 27.74 -16.82 6.50
C PRO A 228 28.02 -15.54 7.27
N VAL A 229 27.65 -14.42 6.69
CA VAL A 229 28.00 -13.13 7.22
C VAL A 229 26.76 -12.24 7.13
N ARG A 230 26.45 -11.52 8.21
CA ARG A 230 25.34 -10.58 8.20
C ARG A 230 25.52 -9.51 7.14
N PHE A 231 24.45 -9.16 6.45
CA PHE A 231 24.52 -8.09 5.45
C PHE A 231 23.17 -7.40 5.35
N SER A 232 23.16 -6.18 4.82
CA SER A 232 21.93 -5.45 4.57
C SER A 232 21.89 -4.97 3.12
N THR A 233 20.72 -4.65 2.61
CA THR A 233 20.62 -4.18 1.24
C THR A 233 19.62 -3.07 1.17
N GLU A 234 19.82 -2.18 0.21
CA GLU A 234 18.90 -1.11 -0.11
C GLU A 234 18.64 -1.21 -1.61
N THR A 235 17.40 -1.46 -1.99
CA THR A 235 17.10 -1.74 -3.39
C THR A 235 16.17 -0.70 -3.95
N THR A 236 16.52 -0.11 -5.08
CA THR A 236 15.66 0.91 -5.65
C THR A 236 15.62 0.83 -7.17
N PHE A 237 14.42 1.05 -7.70
CA PHE A 237 14.17 1.02 -9.14
C PHE A 237 13.48 2.31 -9.55
N LEU A 238 14.20 3.13 -10.31
CA LEU A 238 13.82 4.53 -10.55
C LEU A 238 13.57 4.83 -12.02
N VAL A 239 12.86 5.92 -12.30
CA VAL A 239 12.58 6.27 -13.69
C VAL A 239 13.42 7.45 -14.17
N ASP A 240 14.24 7.25 -15.20
N ASP A 240 14.24 7.25 -15.20
CA ASP A 240 14.92 8.36 -15.87
CA ASP A 240 14.92 8.36 -15.88
C ASP A 240 13.97 9.02 -16.86
C ASP A 240 13.96 9.01 -16.86
N LYS A 241 13.34 8.20 -17.70
CA LYS A 241 12.36 8.68 -18.67
C LYS A 241 11.33 7.58 -18.95
N TYR A 242 10.06 7.92 -18.96
CA TYR A 242 9.03 6.93 -19.25
C TYR A 242 7.89 7.65 -19.93
N GLU A 243 7.96 7.71 -21.25
CA GLU A 243 7.07 8.58 -22.01
C GLU A 243 6.26 7.85 -23.07
N ILE A 244 5.05 8.32 -23.29
CA ILE A 244 4.18 7.78 -24.31
C ILE A 244 3.98 8.88 -25.38
N LEU A 245 4.44 8.65 -26.61
CA LEU A 245 4.51 9.71 -27.63
C LEU A 245 3.25 9.89 -28.44
N ASN B 4 7.60 -1.95 0.64
CA ASN B 4 7.26 -3.28 1.12
C ASN B 4 7.21 -3.32 2.64
N MET B 5 8.09 -4.11 3.24
N MET B 5 8.11 -4.07 3.24
CA MET B 5 8.20 -4.16 4.69
CA MET B 5 8.18 -4.17 4.70
C MET B 5 9.64 -3.96 5.13
C MET B 5 9.63 -3.99 5.18
N GLU B 6 9.88 -2.89 5.87
CA GLU B 6 11.22 -2.60 6.36
C GLU B 6 11.57 -3.41 7.60
N SER B 7 12.79 -3.26 8.08
CA SER B 7 13.25 -4.01 9.23
C SER B 7 12.60 -3.52 10.52
N VAL B 8 11.94 -2.36 10.43
CA VAL B 8 11.07 -1.87 11.48
C VAL B 8 9.71 -1.70 10.86
N HIS B 9 8.74 -2.51 11.30
CA HIS B 9 7.41 -2.51 10.74
C HIS B 9 6.38 -2.31 11.83
N MET B 10 5.34 -1.54 11.55
CA MET B 10 4.27 -1.37 12.51
C MET B 10 2.88 -1.63 11.94
N LYS B 11 2.10 -2.41 12.69
CA LYS B 11 0.69 -2.60 12.40
C LYS B 11 -0.10 -1.65 13.27
N ILE B 12 -0.89 -0.80 12.65
CA ILE B 12 -1.77 0.10 13.39
C ILE B 12 -3.19 -0.38 13.14
N GLU B 13 -3.76 -1.08 14.12
CA GLU B 13 -5.04 -1.77 13.97
C GLU B 13 -6.11 -1.29 14.93
N GLU B 14 -7.30 -1.02 14.40
CA GLU B 14 -8.45 -0.62 15.19
C GLU B 14 -9.62 -1.56 14.90
N LYS B 15 -10.48 -1.74 15.90
CA LYS B 15 -11.69 -2.53 15.73
C LYS B 15 -12.84 -1.80 16.37
N ILE B 16 -13.97 -1.79 15.69
CA ILE B 16 -15.17 -1.19 16.24
C ILE B 16 -16.13 -2.29 16.72
N THR B 17 -16.75 -2.04 17.86
CA THR B 17 -17.85 -2.85 18.38
C THR B 17 -19.04 -1.90 18.53
N LEU B 18 -20.13 -2.17 17.84
CA LEU B 18 -21.29 -1.28 17.96
C LEU B 18 -22.61 -2.06 17.98
N THR B 19 -23.52 -1.58 18.81
CA THR B 19 -24.88 -2.10 18.82
C THR B 19 -25.89 -0.95 18.78
N CYS B 20 -26.77 -1.00 17.79
CA CYS B 20 -27.82 -0.01 17.58
C CYS B 20 -29.18 -0.65 17.69
N GLY B 21 -30.18 0.13 18.11
CA GLY B 21 -31.56 -0.28 17.93
C GLY B 21 -31.97 -0.01 16.49
N ARG B 22 -33.07 -0.59 16.03
CA ARG B 22 -33.52 -0.27 14.68
C ARG B 22 -34.09 1.15 14.62
N ASP B 23 -34.55 1.65 15.76
CA ASP B 23 -35.12 3.00 15.81
C ASP B 23 -34.02 4.05 15.72
N GLY B 24 -32.77 3.63 15.87
CA GLY B 24 -31.63 4.50 15.67
C GLY B 24 -30.80 4.78 16.91
N GLY B 25 -31.34 4.43 18.08
CA GLY B 25 -30.64 4.65 19.33
C GLY B 25 -29.34 3.87 19.40
N LEU B 26 -28.35 4.43 20.10
CA LEU B 26 -27.08 3.76 20.23
C LEU B 26 -26.95 3.13 21.61
N GLN B 27 -26.88 1.80 21.66
CA GLN B 27 -26.76 1.11 22.94
C GLN B 27 -25.32 1.06 23.42
N ASN B 28 -24.39 0.82 22.51
CA ASN B 28 -22.98 0.81 22.87
C ASN B 28 -22.12 0.95 21.64
N MET B 29 -21.12 1.81 21.73
CA MET B 29 -20.10 1.88 20.71
C MET B 29 -18.75 1.91 21.36
N GLU B 30 -17.91 0.93 21.02
CA GLU B 30 -16.52 0.92 21.47
C GLU B 30 -15.57 0.91 20.31
N LEU B 31 -14.42 1.52 20.52
CA LEU B 31 -13.31 1.45 19.59
C LEU B 31 -12.08 1.00 20.36
N HIS B 32 -11.35 0.04 19.82
CA HIS B 32 -10.08 -0.37 20.39
C HIS B 32 -9.01 -0.35 19.32
N GLY B 33 -7.90 0.32 19.61
CA GLY B 33 -6.80 0.36 18.68
C GLY B 33 -5.49 -0.01 19.34
N MET B 34 -4.51 -0.35 18.52
CA MET B 34 -3.15 -0.56 19.02
C MET B 34 -2.09 -0.31 17.95
N ILE B 35 -0.87 -0.01 18.41
CA ILE B 35 0.28 -0.03 17.53
C ILE B 35 1.12 -1.26 17.86
N MET B 36 1.23 -2.18 16.91
CA MET B 36 2.09 -3.35 17.07
C MET B 36 3.43 -3.13 16.35
N LEU B 37 4.51 -3.44 17.04
CA LEU B 37 5.84 -3.16 16.55
C LEU B 37 6.58 -4.46 16.24
N ARG B 38 7.16 -4.55 15.05
CA ARG B 38 7.95 -5.71 14.74
C ARG B 38 9.32 -5.32 14.23
N ILE B 39 10.32 -5.86 14.91
CA ILE B 39 11.72 -5.59 14.60
C ILE B 39 12.34 -6.87 14.05
N SER B 40 13.05 -6.76 12.94
CA SER B 40 13.58 -7.92 12.24
C SER B 40 15.04 -8.18 12.55
N ASP B 41 15.72 -7.17 13.09
CA ASP B 41 17.16 -7.21 13.35
C ASP B 41 17.44 -6.57 14.68
N ASP B 42 18.41 -7.09 15.42
CA ASP B 42 18.85 -6.44 16.66
C ASP B 42 19.47 -5.06 16.42
N LYS B 43 19.78 -4.75 15.15
CA LYS B 43 20.25 -3.42 14.78
C LYS B 43 19.24 -2.37 15.22
N PHE B 44 17.97 -2.76 15.24
CA PHE B 44 16.90 -1.80 15.44
C PHE B 44 16.14 -1.98 16.75
N GLY B 45 16.78 -2.61 17.74
CA GLY B 45 16.13 -2.88 19.01
C GLY B 45 15.98 -1.69 19.93
N ARG B 46 16.85 -0.69 19.77
CA ARG B 46 16.82 0.47 20.66
C ARG B 46 16.44 1.72 19.86
N ILE B 47 15.13 1.89 19.67
CA ILE B 47 14.62 2.94 18.81
C ILE B 47 13.52 3.71 19.54
N ARG B 48 13.13 4.84 18.98
CA ARG B 48 11.97 5.56 19.48
C ARG B 48 11.01 5.83 18.33
N LEU B 49 9.72 5.66 18.59
CA LEU B 49 8.69 5.91 17.59
C LEU B 49 8.08 7.30 17.80
N HIS B 50 8.15 8.14 16.78
CA HIS B 50 7.55 9.46 16.85
C HIS B 50 6.08 9.39 16.43
N VAL B 51 5.19 9.56 17.40
CA VAL B 51 3.77 9.37 17.17
C VAL B 51 3.05 10.70 17.05
N GLU B 52 2.19 10.84 16.04
CA GLU B 52 1.41 12.07 15.92
C GLU B 52 -0.06 11.81 16.25
N ASN B 53 -0.53 12.39 17.35
CA ASN B 53 -1.90 12.16 17.83
C ASN B 53 -2.81 13.38 17.63
N GLU B 54 -3.73 13.29 16.68
CA GLU B 54 -4.61 14.40 16.35
C GLU B 54 -5.81 14.49 17.29
N ASP B 55 -5.91 13.55 18.23
CA ASP B 55 -7.02 13.47 19.19
C ASP B 55 -8.39 13.61 18.53
N LYS B 56 -9.13 14.62 18.93
CA LYS B 56 -10.40 15.01 18.30
C LYS B 56 -11.50 13.96 18.43
N LYS B 57 -11.20 12.81 19.02
CA LYS B 57 -12.22 11.79 19.25
C LYS B 57 -12.45 11.57 20.75
N GLY B 58 -11.48 11.95 21.56
CA GLY B 58 -11.59 11.81 23.01
C GLY B 58 -11.26 10.42 23.50
N VAL B 59 -10.28 9.78 22.86
CA VAL B 59 -9.93 8.42 23.23
C VAL B 59 -8.88 8.39 24.34
N GLN B 60 -8.86 7.29 25.08
CA GLN B 60 -7.90 7.07 26.16
C GLN B 60 -6.70 6.29 25.68
N LEU B 61 -5.51 6.82 25.91
CA LEU B 61 -4.29 6.18 25.46
C LEU B 61 -3.56 5.44 26.58
N GLN B 62 -2.91 4.33 26.25
CA GLN B 62 -2.17 3.57 27.25
C GLN B 62 -0.94 2.94 26.62
N THR B 63 0.22 3.11 27.26
CA THR B 63 1.44 2.54 26.70
C THR B 63 1.79 1.24 27.38
N HIS B 64 2.57 0.42 26.69
CA HIS B 64 3.16 -0.77 27.28
C HIS B 64 3.84 -0.39 28.60
N PRO B 65 3.73 -1.26 29.61
CA PRO B 65 4.36 -0.99 30.92
C PRO B 65 5.85 -0.64 30.85
N ASN B 66 6.61 -1.19 29.90
CA ASN B 66 8.04 -0.83 29.84
C ASN B 66 8.31 0.42 29.00
N VAL B 67 7.26 1.00 28.44
CA VAL B 67 7.38 2.22 27.66
C VAL B 67 7.27 3.45 28.56
N ASP B 68 8.14 4.43 28.30
CA ASP B 68 8.26 5.64 29.13
C ASP B 68 7.01 6.49 29.05
N LYS B 69 6.30 6.66 30.15
CA LYS B 69 5.06 7.42 30.14
C LYS B 69 5.31 8.92 30.07
N LYS B 70 6.28 9.41 30.85
CA LYS B 70 6.61 10.81 30.85
C LYS B 70 7.00 11.25 29.44
N LEU B 71 7.92 10.50 28.84
CA LEU B 71 8.38 10.79 27.50
C LEU B 71 7.22 10.82 26.51
N PHE B 72 6.28 9.87 26.66
CA PHE B 72 5.18 9.83 25.71
C PHE B 72 4.25 11.00 25.94
N THR B 73 4.07 11.36 27.21
CA THR B 73 3.20 12.47 27.59
C THR B 73 3.77 13.79 27.11
N ALA B 74 5.07 13.97 27.33
CA ALA B 74 5.68 15.24 27.07
C ALA B 74 5.99 15.45 25.58
N GLU B 75 6.41 14.40 24.88
CA GLU B 75 6.95 14.57 23.53
C GLU B 75 6.25 13.74 22.46
N SER B 76 5.24 12.99 22.86
CA SER B 76 4.58 12.05 21.97
C SER B 76 5.61 11.15 21.30
N LEU B 77 6.59 10.71 22.10
CA LEU B 77 7.57 9.70 21.69
C LEU B 77 7.35 8.40 22.46
N ILE B 78 7.44 7.29 21.75
CA ILE B 78 7.40 5.96 22.33
C ILE B 78 8.81 5.39 22.42
N GLY B 79 9.28 5.20 23.64
CA GLY B 79 10.59 4.67 23.87
C GLY B 79 10.56 3.91 25.17
N LEU B 80 11.46 2.96 25.33
CA LEU B 80 11.54 2.20 26.55
C LEU B 80 11.98 3.08 27.71
N LYS B 81 11.41 2.85 28.88
CA LYS B 81 11.81 3.52 30.12
C LYS B 81 13.30 3.43 30.31
N ASN B 82 13.84 2.25 30.04
CA ASN B 82 15.26 2.03 30.14
C ASN B 82 15.86 1.96 28.73
N PRO B 83 16.37 3.09 28.24
CA PRO B 83 16.81 3.23 26.84
C PRO B 83 17.92 2.24 26.50
N GLU B 84 18.57 1.68 27.51
CA GLU B 84 19.65 0.73 27.30
C GLU B 84 19.11 -0.64 26.92
N LYS B 85 17.84 -0.91 27.25
CA LYS B 85 17.25 -2.21 26.92
C LYS B 85 16.66 -2.19 25.51
N SER B 86 16.30 -3.36 24.99
CA SER B 86 15.88 -3.45 23.60
C SER B 86 14.43 -3.94 23.50
N PHE B 87 13.73 -3.51 22.46
CA PHE B 87 12.45 -4.11 22.15
C PHE B 87 12.68 -5.55 21.74
N PRO B 88 11.71 -6.44 22.01
CA PRO B 88 11.79 -7.82 21.51
C PRO B 88 12.03 -7.88 20.00
N VAL B 89 12.79 -8.85 19.53
CA VAL B 89 13.05 -8.97 18.11
C VAL B 89 12.36 -10.21 17.54
N ASN B 90 11.85 -10.09 16.31
CA ASN B 90 11.09 -11.16 15.68
C ASN B 90 9.92 -11.59 16.56
N SER B 91 9.30 -10.59 17.17
CA SER B 91 8.20 -10.82 18.07
C SER B 91 7.30 -9.59 18.01
N ASP B 92 6.06 -9.78 17.60
CA ASP B 92 5.12 -8.66 17.59
C ASP B 92 4.77 -8.24 19.01
N VAL B 93 4.85 -6.95 19.30
CA VAL B 93 4.44 -6.47 20.61
C VAL B 93 3.73 -5.13 20.49
N GLY B 94 2.59 -5.02 21.17
CA GLY B 94 1.84 -3.79 21.24
C GLY B 94 2.66 -2.85 22.07
N VAL B 95 2.76 -1.60 21.65
CA VAL B 95 3.49 -0.64 22.47
C VAL B 95 2.56 0.45 22.96
N LEU B 96 1.42 0.58 22.28
CA LEU B 96 0.47 1.64 22.59
C LEU B 96 -0.92 1.15 22.22
N LYS B 97 -1.90 1.40 23.08
CA LYS B 97 -3.28 1.03 22.78
C LYS B 97 -4.17 2.22 23.02
N TRP B 98 -5.31 2.26 22.34
CA TRP B 98 -6.30 3.24 22.70
C TRP B 98 -7.69 2.67 22.70
N ARG B 99 -8.60 3.33 23.39
CA ARG B 99 -9.97 2.89 23.42
C ARG B 99 -10.89 4.08 23.57
N LEU B 100 -12.10 3.89 23.08
CA LEU B 100 -13.16 4.86 23.21
C LEU B 100 -14.43 4.06 23.46
N GLN B 101 -15.31 4.61 24.28
CA GLN B 101 -16.58 3.97 24.56
C GLN B 101 -17.65 5.04 24.71
N THR B 102 -18.72 4.96 23.93
CA THR B 102 -19.75 6.00 23.99
C THR B 102 -21.13 5.43 23.66
N THR B 103 -22.17 6.16 24.06
CA THR B 103 -23.54 5.82 23.66
C THR B 103 -24.22 7.04 23.03
N GLU B 104 -23.42 8.07 22.73
CA GLU B 104 -23.93 9.24 22.03
C GLU B 104 -24.07 8.96 20.53
N GLU B 105 -25.30 9.07 20.03
CA GLU B 105 -25.63 8.63 18.68
C GLU B 105 -24.82 9.36 17.61
N SER B 106 -24.18 10.46 18.00
CA SER B 106 -23.45 11.30 17.06
C SER B 106 -22.10 10.72 16.66
N PHE B 107 -21.64 9.70 17.39
CA PHE B 107 -20.40 9.00 17.05
C PHE B 107 -20.59 7.86 16.03
N ILE B 108 -21.83 7.42 15.83
CA ILE B 108 -22.12 6.38 14.84
C ILE B 108 -21.53 6.72 13.49
N PRO B 109 -20.57 5.93 13.01
CA PRO B 109 -19.92 6.31 11.75
C PRO B 109 -20.85 6.09 10.57
N LEU B 110 -21.66 5.03 10.64
CA LEU B 110 -22.53 4.65 9.55
C LEU B 110 -23.88 4.23 10.09
N THR B 111 -24.90 5.05 9.82
CA THR B 111 -26.24 4.71 10.27
C THR B 111 -26.88 3.75 9.26
N ILE B 112 -27.71 2.85 9.79
CA ILE B 112 -28.47 1.93 8.96
C ILE B 112 -29.92 2.13 9.34
N ASN B 113 -30.75 2.38 8.33
CA ASN B 113 -32.18 2.53 8.53
C ASN B 113 -32.94 1.45 7.79
N CYS B 114 -33.40 0.44 8.51
CA CYS B 114 -34.11 -0.66 7.87
C CYS B 114 -35.60 -0.62 8.20
N TRP B 115 -36.41 -0.34 7.19
CA TRP B 115 -37.83 -0.14 7.40
C TRP B 115 -38.66 -1.17 6.61
N PRO B 116 -39.00 -2.29 7.26
CA PRO B 116 -39.93 -3.28 6.70
C PRO B 116 -41.37 -2.78 6.73
N SER B 117 -42.05 -2.88 5.60
CA SER B 117 -43.44 -2.44 5.49
C SER B 117 -44.40 -3.62 5.40
N GLU B 118 -45.14 -3.83 6.48
CA GLU B 118 -46.13 -4.89 6.53
C GLU B 118 -47.20 -4.67 5.45
N SER B 119 -47.18 -5.50 4.42
CA SER B 119 -48.01 -5.29 3.23
C SER B 119 -48.88 -6.49 2.87
N GLY B 120 -49.54 -7.07 3.87
CA GLY B 120 -50.53 -8.11 3.65
C GLY B 120 -50.01 -9.46 3.19
N ASN B 121 -50.05 -9.71 1.88
CA ASN B 121 -49.59 -10.96 1.30
C ASN B 121 -48.10 -10.91 0.91
N GLY B 122 -47.34 -10.12 1.66
CA GLY B 122 -45.91 -9.94 1.42
C GLY B 122 -45.35 -8.83 2.28
N CYS B 123 -44.06 -8.55 2.15
CA CYS B 123 -43.45 -7.47 2.91
C CYS B 123 -42.47 -6.68 2.05
N ASP B 124 -42.52 -5.36 2.15
CA ASP B 124 -41.61 -4.49 1.41
C ASP B 124 -40.54 -3.96 2.34
N VAL B 125 -39.28 -4.25 2.06
CA VAL B 125 -38.22 -3.77 2.93
C VAL B 125 -37.47 -2.65 2.27
N ASN B 126 -37.40 -1.51 2.96
CA ASN B 126 -36.58 -0.41 2.52
C ASN B 126 -35.44 -0.22 3.49
N ILE B 127 -34.21 -0.31 3.01
CA ILE B 127 -33.06 -0.12 3.88
C ILE B 127 -32.13 0.89 3.25
N GLU B 128 -31.58 1.78 4.07
CA GLU B 128 -30.68 2.77 3.57
C GLU B 128 -29.57 3.06 4.57
N TYR B 129 -28.44 3.55 4.06
CA TYR B 129 -27.36 3.95 4.94
C TYR B 129 -27.04 5.42 4.75
N GLU B 130 -26.40 5.98 5.77
CA GLU B 130 -25.84 7.31 5.68
C GLU B 130 -24.51 7.33 6.41
N LEU B 131 -23.46 7.69 5.69
CA LEU B 131 -22.17 7.92 6.28
C LEU B 131 -22.23 9.20 7.11
N GLN B 132 -21.89 9.11 8.39
CA GLN B 132 -21.96 10.27 9.27
C GLN B 132 -20.63 11.05 9.36
N GLU B 133 -19.52 10.34 9.25
CA GLU B 133 -18.22 11.00 9.24
C GLU B 133 -17.68 11.04 7.82
N ASP B 134 -17.75 12.22 7.20
CA ASP B 134 -17.36 12.40 5.80
C ASP B 134 -15.92 11.98 5.55
N ASN B 135 -15.12 12.01 6.60
CA ASN B 135 -13.69 11.70 6.53
C ASN B 135 -13.41 10.21 6.26
N LEU B 136 -14.35 9.34 6.61
CA LEU B 136 -14.13 7.90 6.51
C LEU B 136 -14.22 7.35 5.09
N GLU B 137 -13.39 6.36 4.81
CA GLU B 137 -13.54 5.61 3.57
C GLU B 137 -13.64 4.13 3.89
N LEU B 138 -14.85 3.58 3.76
CA LEU B 138 -15.13 2.19 4.05
C LEU B 138 -15.09 1.38 2.77
N ASN B 139 -14.22 0.37 2.73
CA ASN B 139 -14.15 -0.54 1.58
C ASN B 139 -14.86 -1.86 1.87
N ASP B 140 -15.32 -2.51 0.82
CA ASP B 140 -15.91 -3.85 0.91
C ASP B 140 -17.00 -3.94 1.96
N VAL B 141 -17.84 -2.92 1.99
CA VAL B 141 -19.00 -2.92 2.86
C VAL B 141 -19.94 -4.07 2.50
N VAL B 142 -20.33 -4.83 3.49
CA VAL B 142 -21.32 -5.88 3.33
C VAL B 142 -22.32 -5.67 4.45
N ILE B 143 -23.56 -5.37 4.06
CA ILE B 143 -24.66 -5.20 5.00
C ILE B 143 -25.53 -6.44 4.91
N THR B 144 -25.52 -7.25 5.96
CA THR B 144 -26.19 -8.56 5.94
C THR B 144 -27.55 -8.48 6.61
N ILE B 145 -28.59 -8.77 5.82
CA ILE B 145 -29.96 -8.74 6.30
C ILE B 145 -30.52 -10.15 6.36
N PRO B 146 -30.93 -10.61 7.56
CA PRO B 146 -31.56 -11.94 7.64
C PRO B 146 -32.94 -11.94 6.96
N LEU B 147 -33.38 -13.11 6.51
CA LEU B 147 -34.63 -13.23 5.75
C LEU B 147 -35.53 -14.30 6.36
N PRO B 148 -36.84 -14.18 6.16
CA PRO B 148 -37.72 -15.32 6.48
C PRO B 148 -37.33 -16.56 5.67
N SER B 149 -37.46 -17.76 6.24
CA SER B 149 -37.13 -18.96 5.48
C SER B 149 -38.37 -19.62 4.90
N GLY B 150 -38.17 -20.48 3.91
CA GLY B 150 -39.24 -21.25 3.33
C GLY B 150 -40.20 -20.51 2.41
N VAL B 151 -39.86 -19.29 2.01
CA VAL B 151 -40.72 -18.53 1.10
C VAL B 151 -39.98 -18.09 -0.17
N GLY B 152 -38.90 -18.79 -0.49
CA GLY B 152 -38.14 -18.46 -1.69
C GLY B 152 -37.25 -17.24 -1.51
N ALA B 153 -36.79 -16.71 -2.63
CA ALA B 153 -35.79 -15.64 -2.63
C ALA B 153 -36.40 -14.24 -2.57
N PRO B 154 -35.65 -13.28 -2.01
CA PRO B 154 -36.13 -11.91 -2.06
C PRO B 154 -36.14 -11.39 -3.51
N VAL B 155 -37.01 -10.43 -3.81
CA VAL B 155 -37.04 -9.87 -5.13
C VAL B 155 -36.56 -8.44 -5.03
N ILE B 156 -35.42 -8.16 -5.67
CA ILE B 156 -34.73 -6.90 -5.52
C ILE B 156 -35.28 -5.84 -6.48
N GLY B 157 -35.71 -4.71 -5.94
CA GLY B 157 -36.14 -3.57 -6.75
C GLY B 157 -34.97 -2.63 -7.07
N GLU B 158 -35.12 -1.34 -6.80
CA GLU B 158 -33.98 -0.45 -7.04
C GLU B 158 -32.91 -0.67 -5.97
N ILE B 159 -31.64 -0.56 -6.38
CA ILE B 159 -30.54 -0.79 -5.46
C ILE B 159 -29.30 0.05 -5.80
N ASP B 160 -28.71 0.66 -4.78
CA ASP B 160 -27.38 1.22 -4.90
C ASP B 160 -26.35 0.17 -4.55
N GLY B 161 -25.57 -0.26 -5.54
CA GLY B 161 -24.62 -1.34 -5.34
C GLY B 161 -25.15 -2.68 -5.83
N GLU B 162 -24.67 -3.75 -5.22
CA GLU B 162 -24.94 -5.10 -5.66
C GLU B 162 -25.39 -5.96 -4.50
N TYR B 163 -25.72 -7.21 -4.76
CA TYR B 163 -26.18 -8.03 -3.66
C TYR B 163 -25.89 -9.50 -3.88
N ARG B 164 -25.97 -10.25 -2.79
CA ARG B 164 -25.73 -11.68 -2.83
C ARG B 164 -26.81 -12.34 -1.99
N HIS B 165 -27.56 -13.28 -2.57
CA HIS B 165 -28.59 -14.00 -1.82
C HIS B 165 -28.15 -15.43 -1.57
N ASP B 166 -28.12 -15.81 -0.31
CA ASP B 166 -27.64 -17.13 0.12
C ASP B 166 -28.82 -17.94 0.68
N SER B 167 -29.26 -18.95 -0.06
CA SER B 167 -30.45 -19.73 0.31
C SER B 167 -30.25 -20.57 1.56
N ARG B 168 -29.03 -21.00 1.83
N ARG B 168 -29.02 -21.01 1.82
CA ARG B 168 -28.78 -21.82 3.01
CA ARG B 168 -28.74 -21.82 3.00
C ARG B 168 -28.77 -20.96 4.26
C ARG B 168 -28.76 -20.97 4.26
N ARG B 169 -28.08 -19.83 4.21
CA ARG B 169 -28.02 -18.90 5.34
C ARG B 169 -29.30 -18.07 5.48
N ASN B 170 -30.14 -18.06 4.46
CA ASN B 170 -31.30 -17.17 4.44
C ASN B 170 -30.90 -15.73 4.71
N THR B 171 -29.95 -15.23 3.93
CA THR B 171 -29.46 -13.87 4.08
C THR B 171 -29.48 -13.15 2.76
N LEU B 172 -29.67 -11.84 2.84
CA LEU B 172 -29.42 -10.96 1.71
C LEU B 172 -28.25 -10.09 2.10
N GLU B 173 -27.15 -10.22 1.36
CA GLU B 173 -25.97 -9.39 1.57
C GLU B 173 -26.00 -8.20 0.61
N TRP B 174 -26.06 -7.01 1.17
CA TRP B 174 -26.00 -5.78 0.37
C TRP B 174 -24.55 -5.30 0.29
N CYS B 175 -23.99 -5.29 -0.92
CA CYS B 175 -22.55 -5.11 -1.10
C CYS B 175 -22.22 -3.82 -1.84
N LEU B 176 -21.37 -3.01 -1.21
CA LEU B 176 -20.87 -1.76 -1.80
C LEU B 176 -19.34 -1.72 -1.71
N PRO B 177 -18.67 -1.63 -2.86
CA PRO B 177 -17.21 -1.67 -2.82
C PRO B 177 -16.64 -0.50 -2.04
N VAL B 178 -17.29 0.66 -2.09
CA VAL B 178 -16.81 1.81 -1.34
C VAL B 178 -17.94 2.71 -0.84
N ILE B 179 -17.84 3.14 0.41
CA ILE B 179 -18.70 4.17 0.94
C ILE B 179 -17.80 5.28 1.46
N ASP B 180 -17.89 6.45 0.84
CA ASP B 180 -17.12 7.61 1.29
C ASP B 180 -17.90 8.89 1.03
N ALA B 181 -17.21 10.02 1.06
CA ALA B 181 -17.83 11.32 0.88
C ALA B 181 -18.62 11.39 -0.42
N LYS B 182 -18.09 10.78 -1.46
CA LYS B 182 -18.71 10.85 -2.78
C LYS B 182 -20.08 10.17 -2.81
N ASN B 183 -20.25 9.15 -1.98
CA ASN B 183 -21.54 8.49 -1.88
C ASN B 183 -21.94 8.24 -0.42
N LYS B 184 -22.28 9.33 0.26
CA LYS B 184 -22.59 9.27 1.68
C LYS B 184 -23.87 8.48 1.97
N SER B 185 -24.74 8.35 0.97
CA SER B 185 -25.99 7.62 1.17
C SER B 185 -26.33 6.68 0.02
N GLY B 186 -27.08 5.64 0.35
CA GLY B 186 -27.53 4.69 -0.66
C GLY B 186 -28.68 3.92 -0.08
N SER B 187 -29.49 3.28 -0.93
CA SER B 187 -30.57 2.45 -0.41
C SER B 187 -30.84 1.22 -1.24
N LEU B 188 -31.60 0.31 -0.65
CA LEU B 188 -31.96 -0.95 -1.25
C LEU B 188 -33.44 -1.20 -0.96
N GLU B 189 -34.19 -1.61 -1.98
N GLU B 189 -34.20 -1.59 -1.98
CA GLU B 189 -35.60 -1.98 -1.83
CA GLU B 189 -35.58 -2.00 -1.77
C GLU B 189 -35.80 -3.40 -2.35
C GLU B 189 -35.76 -3.40 -2.32
N PHE B 190 -36.51 -4.22 -1.61
CA PHE B 190 -36.75 -5.58 -2.05
C PHE B 190 -38.03 -6.08 -1.41
N SER B 191 -38.56 -7.18 -1.92
CA SER B 191 -39.74 -7.75 -1.27
C SER B 191 -39.57 -9.24 -1.01
N ILE B 192 -40.23 -9.71 0.04
CA ILE B 192 -40.25 -11.12 0.39
C ILE B 192 -41.35 -11.33 1.41
N ALA B 193 -41.92 -12.53 1.44
CA ALA B 193 -43.01 -12.80 2.37
C ALA B 193 -42.49 -12.97 3.79
N GLY B 194 -42.65 -11.93 4.62
CA GLY B 194 -42.23 -12.01 6.01
C GLY B 194 -42.88 -11.01 6.97
N GLN B 195 -42.46 -11.07 8.23
CA GLN B 195 -42.87 -10.08 9.22
C GLN B 195 -41.65 -9.23 9.53
N PRO B 196 -41.86 -7.96 9.91
CA PRO B 196 -40.78 -6.99 10.18
C PRO B 196 -39.62 -7.51 11.04
N ASN B 197 -39.91 -8.33 12.04
CA ASN B 197 -38.85 -8.89 12.89
C ASN B 197 -37.94 -9.89 12.18
N ASP B 198 -38.35 -10.38 11.01
CA ASP B 198 -37.55 -11.35 10.27
C ASP B 198 -36.25 -10.74 9.71
N PHE B 199 -36.23 -9.43 9.58
CA PHE B 199 -35.11 -8.75 8.93
C PHE B 199 -34.12 -8.17 9.93
N PHE B 200 -34.15 -8.67 11.17
CA PHE B 200 -33.22 -8.20 12.19
C PHE B 200 -32.62 -9.37 12.95
N PRO B 201 -31.41 -9.21 13.50
CA PRO B 201 -30.50 -8.05 13.44
C PRO B 201 -29.78 -7.91 12.12
N VAL B 202 -29.62 -6.67 11.68
CA VAL B 202 -28.81 -6.40 10.50
C VAL B 202 -27.36 -6.36 10.94
N GLN B 203 -26.47 -7.00 10.17
CA GLN B 203 -25.03 -6.99 10.42
C GLN B 203 -24.26 -6.18 9.38
N VAL B 204 -23.27 -5.43 9.82
CA VAL B 204 -22.47 -4.61 8.91
C VAL B 204 -21.01 -5.04 9.00
N SER B 205 -20.39 -5.28 7.86
CA SER B 205 -18.96 -5.52 7.80
C SER B 205 -18.29 -4.56 6.83
N PHE B 206 -17.05 -4.16 7.13
CA PHE B 206 -16.26 -3.34 6.22
C PHE B 206 -14.80 -3.36 6.66
N ILE B 207 -13.93 -2.88 5.76
CA ILE B 207 -12.51 -2.66 6.06
C ILE B 207 -12.13 -1.26 5.63
N SER B 208 -11.35 -0.58 6.44
CA SER B 208 -10.78 0.69 6.03
C SER B 208 -9.27 0.62 6.15
N LYS B 209 -8.57 1.29 5.24
CA LYS B 209 -7.13 1.35 5.31
C LYS B 209 -6.71 2.64 6.02
N LYS B 210 -7.71 3.45 6.33
CA LYS B 210 -7.52 4.66 7.10
C LYS B 210 -8.05 4.45 8.51
N ASN B 211 -7.25 4.85 9.51
CA ASN B 211 -7.65 4.72 10.89
C ASN B 211 -8.79 5.66 11.27
N TYR B 212 -9.53 5.29 12.30
CA TYR B 212 -10.65 6.10 12.76
C TYR B 212 -10.17 7.21 13.67
N CYS B 213 -9.03 7.01 14.34
CA CYS B 213 -8.55 7.97 15.33
C CYS B 213 -7.40 8.85 14.89
N ASN B 214 -6.87 8.60 13.69
CA ASN B 214 -5.79 9.43 13.14
C ASN B 214 -4.58 9.49 14.09
N ILE B 215 -4.11 8.31 14.48
CA ILE B 215 -2.85 8.21 15.19
C ILE B 215 -1.85 7.61 14.23
N GLN B 216 -0.76 8.32 14.03
CA GLN B 216 0.23 8.00 13.00
C GLN B 216 1.61 7.83 13.64
N VAL B 217 2.43 6.94 13.11
CA VAL B 217 3.86 6.97 13.40
C VAL B 217 4.56 7.60 12.21
N THR B 218 5.23 8.73 12.43
CA THR B 218 5.72 9.50 11.29
C THR B 218 7.24 9.45 11.16
N LYS B 219 7.90 8.95 12.20
CA LYS B 219 9.35 8.89 12.21
C LYS B 219 9.81 7.85 13.21
N VAL B 220 10.89 7.15 12.86
CA VAL B 220 11.57 6.28 13.82
C VAL B 220 13.01 6.74 13.93
N THR B 221 13.53 6.86 15.15
CA THR B 221 14.92 7.28 15.30
C THR B 221 15.65 6.34 16.24
N GLN B 222 16.98 6.23 16.03
CA GLN B 222 17.85 5.41 16.86
C GLN B 222 18.06 6.07 18.22
N VAL B 223 18.03 5.28 19.30
CA VAL B 223 18.38 5.83 20.62
C VAL B 223 19.83 6.34 20.60
N ASP B 224 20.72 5.55 20.00
CA ASP B 224 22.12 5.94 19.89
C ASP B 224 22.33 6.94 18.73
N GLY B 225 22.20 8.24 19.01
CA GLY B 225 22.56 9.25 18.02
C GLY B 225 21.43 9.89 17.22
N ASN B 226 20.21 9.40 17.42
CA ASN B 226 18.99 9.99 16.85
C ASN B 226 18.83 9.95 15.32
N SER B 227 19.66 9.16 14.63
N SER B 227 19.66 9.16 14.63
CA SER B 227 19.50 9.01 13.18
CA SER B 227 19.49 9.06 13.18
C SER B 227 18.13 8.42 12.85
C SER B 227 18.15 8.42 12.83
N PRO B 228 17.49 8.94 11.80
CA PRO B 228 16.23 8.36 11.31
C PRO B 228 16.42 6.94 10.77
N VAL B 229 15.40 6.10 10.94
CA VAL B 229 15.40 4.69 10.57
C VAL B 229 14.30 4.44 9.54
N ARG B 230 14.57 3.64 8.52
CA ARG B 230 13.54 3.29 7.55
C ARG B 230 12.51 2.40 8.23
N PHE B 231 11.23 2.66 7.98
CA PHE B 231 10.17 1.84 8.57
C PHE B 231 8.98 1.72 7.63
N SER B 232 8.18 0.67 7.82
CA SER B 232 6.94 0.55 7.10
C SER B 232 5.75 0.49 8.06
N THR B 233 4.57 0.85 7.57
CA THR B 233 3.37 0.72 8.39
C THR B 233 2.22 0.15 7.58
N GLU B 234 1.44 -0.67 8.25
CA GLU B 234 0.19 -1.23 7.74
C GLU B 234 -0.93 -0.73 8.64
N THR B 235 -1.95 -0.09 8.09
CA THR B 235 -3.01 0.46 8.91
C THR B 235 -4.36 -0.10 8.48
N THR B 236 -5.08 -0.68 9.43
CA THR B 236 -6.36 -1.35 9.14
C THR B 236 -7.42 -1.03 10.20
N PHE B 237 -8.60 -0.64 9.74
CA PHE B 237 -9.74 -0.36 10.60
C PHE B 237 -10.82 -1.40 10.30
N LEU B 238 -11.03 -2.33 11.24
CA LEU B 238 -11.93 -3.47 11.05
C LEU B 238 -13.18 -3.44 11.91
N VAL B 239 -14.12 -4.30 11.60
CA VAL B 239 -15.31 -4.46 12.41
C VAL B 239 -15.20 -5.70 13.27
N ASP B 240 -15.37 -5.50 14.58
CA ASP B 240 -15.52 -6.60 15.50
C ASP B 240 -16.98 -7.03 15.50
N LYS B 241 -17.86 -6.09 15.87
CA LYS B 241 -19.30 -6.29 15.80
C LYS B 241 -19.94 -4.99 15.37
N TYR B 242 -20.95 -5.06 14.51
CA TYR B 242 -21.66 -3.85 14.09
C TYR B 242 -23.09 -4.23 13.77
N GLU B 243 -23.95 -4.09 14.77
CA GLU B 243 -25.24 -4.76 14.78
C GLU B 243 -26.41 -3.81 14.95
N ILE B 244 -27.45 -3.95 14.12
CA ILE B 244 -28.67 -3.16 14.28
C ILE B 244 -29.80 -4.10 14.69
N LEU B 245 -30.29 -3.93 15.92
CA LEU B 245 -31.24 -4.89 16.50
C LEU B 245 -32.69 -4.66 16.12
C FMT C . 1.90 18.57 -27.34
O1 FMT C . 1.99 18.71 -26.12
O2 FMT C . 1.51 17.53 -27.89
#